data_3R5J
#
_entry.id   3R5J
#
_cell.length_a   63.301
_cell.length_b   97.007
_cell.length_c   98.149
_cell.angle_alpha   90.00
_cell.angle_beta   90.00
_cell.angle_gamma   90.00
#
_symmetry.space_group_name_H-M   'P 21 21 21'
#
loop_
_entity.id
_entity.type
_entity.pdbx_description
1 polymer 'Caspase-2 subunit p18'
2 polymer 'Caspase-2 subunit p12'
3 polymer 'Peptide Inhibitor (ACE)ADVAD-CHO'
4 water water
#
loop_
_entity_poly.entity_id
_entity_poly.type
_entity_poly.pdbx_seq_one_letter_code
_entity_poly.pdbx_strand_id
1 'polypeptide(L)'
;MQVKPCTPEFYQTHFQLAYRLQSRPRGLALVLSNVHFTGEKELEFRSGGDVDHSTLVTLFKLLGYDVHVLCDQTAQEMQE
KLQNFAQLPAHRVTDSCIVALLSHGVEGAIYGVDGKLLQLQEVFQLFDNANCPSLQNKPKMFFIQACRGDETDRGVDQQD
;
A,C
2 'polypeptide(L)'
;GKEKLPKMRLPTRSDMICGYACLKGTAAMRNTKRGSWYIEALAQVFSERACDMHVADMLVKVNALIKDREGYAPGTEFHR
CKEMSEYCSTLCRHLYLFPGHPPTLEHHHHHH
;
B,D
3 'polypeptide(L)' (ACE)ADVA(ASA) F,E
#
loop_
_chem_comp.id
_chem_comp.type
_chem_comp.name
_chem_comp.formula
ACE non-polymer 'ACETYL GROUP' 'C2 H4 O'
#
# COMPACT_ATOMS: atom_id res chain seq x y z
N MET A 1 3.24 4.06 28.82
CA MET A 1 2.64 4.53 27.54
C MET A 1 1.44 5.44 27.77
N GLN A 2 1.40 6.53 27.03
CA GLN A 2 0.26 7.43 27.06
C GLN A 2 -0.08 7.84 25.63
N VAL A 3 -1.39 7.95 25.35
CA VAL A 3 -1.87 8.43 24.05
C VAL A 3 -2.45 9.82 24.25
N LYS A 4 -1.81 10.81 23.62
CA LYS A 4 -2.30 12.17 23.66
C LYS A 4 -3.68 12.22 22.96
N PRO A 5 -4.71 12.78 23.64
CA PRO A 5 -6.02 12.92 22.98
C PRO A 5 -6.05 13.98 21.87
N CYS A 6 -6.92 13.78 20.88
CA CYS A 6 -7.15 14.85 19.92
CA CYS A 6 -7.30 14.79 19.89
C CYS A 6 -7.92 16.00 20.60
N THR A 7 -7.77 17.19 20.03
CA THR A 7 -8.48 18.37 20.54
C THR A 7 -9.87 18.38 19.95
N PRO A 8 -10.84 19.00 20.65
CA PRO A 8 -12.17 19.17 20.04
C PRO A 8 -12.11 19.88 18.68
N GLU A 9 -11.22 20.86 18.55
CA GLU A 9 -11.05 21.62 17.30
C GLU A 9 -10.51 20.77 16.16
N PHE A 10 -9.62 19.83 16.49
CA PHE A 10 -9.08 18.91 15.46
C PHE A 10 -10.21 18.03 14.92
N TYR A 11 -10.99 17.45 15.82
CA TYR A 11 -12.13 16.65 15.43
C TYR A 11 -13.11 17.44 14.54
N GLN A 12 -13.44 18.67 14.95
CA GLN A 12 -14.40 19.48 14.19
C GLN A 12 -13.92 19.79 12.79
N THR A 13 -12.62 19.97 12.61
CA THR A 13 -12.10 20.35 11.30
C THR A 13 -11.70 19.18 10.42
N HIS A 14 -11.77 17.95 10.96
CA HIS A 14 -11.35 16.76 10.19
C HIS A 14 -12.39 15.66 10.02
N PHE A 15 -13.43 15.63 10.84
CA PHE A 15 -14.34 14.51 10.81
C PHE A 15 -15.11 14.37 9.49
N GLN A 16 -15.40 15.48 8.84
CA GLN A 16 -16.17 15.40 7.58
C GLN A 16 -15.48 14.68 6.42
N LEU A 17 -14.15 14.69 6.36
CA LEU A 17 -13.45 14.03 5.25
C LEU A 17 -12.72 12.77 5.73
N ALA A 18 -13.22 12.22 6.80
CA ALA A 18 -12.62 11.03 7.34
C ALA A 18 -13.68 9.96 7.56
N TYR A 19 -13.23 8.71 7.73
CA TYR A 19 -14.19 7.67 8.17
C TYR A 19 -14.84 8.08 9.49
N ARG A 20 -16.12 7.72 9.65
CA ARG A 20 -16.79 7.94 10.92
C ARG A 20 -16.06 7.12 11.98
N LEU A 21 -15.61 7.75 13.06
CA LEU A 21 -14.86 7.02 14.05
C LEU A 21 -15.06 7.66 15.42
N GLN A 22 -16.27 7.48 15.94
CA GLN A 22 -16.63 8.07 17.22
C GLN A 22 -17.32 7.11 18.18
N SER A 23 -17.47 5.85 17.76
CA SER A 23 -18.08 4.86 18.65
C SER A 23 -17.22 4.61 19.86
N ARG A 24 -17.85 4.18 20.95
CA ARG A 24 -17.11 3.77 22.15
C ARG A 24 -17.57 2.39 22.56
N PRO A 25 -16.70 1.38 22.43
CA PRO A 25 -15.32 1.37 21.95
C PRO A 25 -15.24 1.72 20.46
N ARG A 26 -14.05 2.15 20.04
CA ARG A 26 -13.80 2.53 18.65
C ARG A 26 -13.96 1.33 17.76
N GLY A 27 -13.82 0.15 18.36
CA GLY A 27 -13.81 -1.11 17.63
C GLY A 27 -13.31 -2.19 18.54
N LEU A 28 -13.41 -3.42 18.03
CA LEU A 28 -12.76 -4.55 18.67
C LEU A 28 -11.38 -4.66 18.07
N ALA A 29 -10.41 -5.11 18.87
CA ALA A 29 -9.07 -5.38 18.35
C ALA A 29 -8.72 -6.79 18.72
N LEU A 30 -8.07 -7.52 17.83
CA LEU A 30 -7.56 -8.85 18.16
C LEU A 30 -6.05 -8.84 18.07
N VAL A 31 -5.37 -9.35 19.11
CA VAL A 31 -3.91 -9.46 19.07
C VAL A 31 -3.65 -10.95 19.23
N LEU A 32 -3.10 -11.56 18.18
CA LEU A 32 -2.83 -13.00 18.15
C LEU A 32 -1.33 -13.17 18.00
N SER A 33 -0.70 -13.68 19.07
CA SER A 33 0.76 -13.90 19.09
C SER A 33 1.09 -15.37 19.20
N ASN A 34 1.97 -15.83 18.31
CA ASN A 34 2.54 -17.17 18.40
C ASN A 34 4.00 -17.04 18.71
N VAL A 35 4.42 -17.67 19.80
CA VAL A 35 5.79 -17.51 20.24
C VAL A 35 6.51 -18.89 20.36
N HIS A 36 5.76 -19.92 20.76
CA HIS A 36 6.31 -21.28 20.95
C HIS A 36 5.96 -22.20 19.77
N PHE A 37 6.96 -22.75 19.09
CA PHE A 37 6.71 -23.58 17.89
C PHE A 37 7.18 -25.04 17.96
N LEU A 43 11.18 -23.88 13.25
CA LEU A 43 10.77 -22.54 13.65
C LEU A 43 11.14 -22.29 15.11
N GLU A 44 12.03 -21.32 15.33
CA GLU A 44 12.57 -21.01 16.64
C GLU A 44 11.58 -20.27 17.55
N PHE A 45 11.78 -20.41 18.86
CA PHE A 45 11.10 -19.61 19.88
C PHE A 45 11.28 -18.12 19.62
N ARG A 46 10.16 -17.38 19.61
CA ARG A 46 10.20 -15.94 19.32
C ARG A 46 10.45 -15.10 20.58
N SER A 47 11.73 -14.99 20.94
CA SER A 47 12.15 -14.21 22.10
C SER A 47 11.82 -12.74 21.85
N GLY A 48 11.17 -12.11 22.82
CA GLY A 48 10.75 -10.73 22.67
C GLY A 48 9.32 -10.61 22.17
N GLY A 49 8.74 -11.72 21.69
CA GLY A 49 7.35 -11.77 21.22
C GLY A 49 6.36 -11.41 22.32
N ASP A 50 6.74 -11.72 23.56
CA ASP A 50 5.95 -11.31 24.73
C ASP A 50 5.88 -9.80 24.93
N VAL A 51 6.98 -9.10 24.69
CA VAL A 51 7.05 -7.65 24.73
C VAL A 51 6.15 -7.02 23.64
N ASP A 52 6.24 -7.53 22.41
CA ASP A 52 5.39 -7.08 21.28
C ASP A 52 3.93 -7.22 21.66
N HIS A 53 3.59 -8.38 22.19
CA HIS A 53 2.22 -8.67 22.52
C HIS A 53 1.67 -7.69 23.56
N SER A 54 2.39 -7.51 24.66
CA SER A 54 1.98 -6.58 25.71
C SER A 54 1.89 -5.13 25.22
N THR A 55 2.86 -4.74 24.39
CA THR A 55 2.91 -3.40 23.82
C THR A 55 1.63 -3.12 23.01
N LEU A 56 1.22 -4.07 22.18
CA LEU A 56 0.04 -3.82 21.34
C LEU A 56 -1.24 -3.85 22.14
N VAL A 57 -1.34 -4.77 23.09
CA VAL A 57 -2.53 -4.84 23.94
C VAL A 57 -2.70 -3.49 24.65
N THR A 58 -1.61 -2.96 25.19
CA THR A 58 -1.64 -1.65 25.86
C THR A 58 -2.00 -0.54 24.90
N LEU A 59 -1.38 -0.54 23.73
CA LEU A 59 -1.62 0.49 22.73
C LEU A 59 -3.10 0.54 22.30
N PHE A 60 -3.63 -0.60 21.88
CA PHE A 60 -5.00 -0.60 21.37
C PHE A 60 -6.02 -0.27 22.47
N LYS A 61 -5.77 -0.71 23.71
CA LYS A 61 -6.62 -0.28 24.82
C LYS A 61 -6.62 1.24 25.02
N LEU A 62 -5.44 1.85 24.94
CA LEU A 62 -5.32 3.30 25.05
C LEU A 62 -5.92 4.07 23.87
N LEU A 63 -6.02 3.39 22.73
CA LEU A 63 -6.65 3.99 21.56
C LEU A 63 -8.16 3.81 21.57
N GLY A 64 -8.68 3.16 22.60
CA GLY A 64 -10.13 3.07 22.79
C GLY A 64 -10.76 1.81 22.22
N TYR A 65 -9.96 0.77 21.97
CA TYR A 65 -10.43 -0.52 21.42
C TYR A 65 -10.71 -1.52 22.51
N ASP A 66 -11.71 -2.38 22.32
CA ASP A 66 -11.89 -3.54 23.20
C ASP A 66 -11.05 -4.67 22.66
N VAL A 67 -10.03 -5.06 23.45
CA VAL A 67 -8.96 -5.93 22.97
C VAL A 67 -9.19 -7.39 23.33
N HIS A 68 -9.13 -8.24 22.32
CA HIS A 68 -9.20 -9.69 22.49
C HIS A 68 -7.81 -10.21 22.23
N VAL A 69 -7.40 -11.23 22.98
CA VAL A 69 -6.07 -11.76 22.85
C VAL A 69 -6.12 -13.25 22.63
N LEU A 70 -5.21 -13.75 21.79
CA LEU A 70 -5.01 -15.20 21.60
C LEU A 70 -3.52 -15.47 21.54
N CYS A 71 -3.09 -16.60 22.13
CA CYS A 71 -1.68 -16.92 22.19
C CYS A 71 -1.43 -18.36 21.77
N ASP A 72 -0.34 -18.57 21.04
CA ASP A 72 0.13 -19.92 20.68
C ASP A 72 -0.94 -20.85 20.10
N GLN A 73 -1.44 -20.45 18.93
CA GLN A 73 -2.53 -21.14 18.26
C GLN A 73 -2.02 -21.90 17.02
N THR A 74 -2.63 -23.05 16.75
CA THR A 74 -2.36 -23.79 15.52
C THR A 74 -3.01 -23.05 14.34
N ALA A 75 -2.57 -23.37 13.12
CA ALA A 75 -3.16 -22.78 11.91
C ALA A 75 -4.67 -22.97 11.83
N GLN A 76 -5.14 -24.17 12.21
CA GLN A 76 -6.58 -24.43 12.21
C GLN A 76 -7.32 -23.58 13.24
N GLU A 77 -6.74 -23.43 14.43
CA GLU A 77 -7.31 -22.63 15.51
C GLU A 77 -7.34 -21.16 15.15
N MET A 78 -6.25 -20.68 14.56
CA MET A 78 -6.22 -19.29 14.08
C MET A 78 -7.35 -19.03 13.11
N GLN A 79 -7.52 -19.91 12.11
CA GLN A 79 -8.60 -19.75 11.15
C GLN A 79 -9.97 -19.68 11.82
N GLU A 80 -10.24 -20.65 12.69
CA GLU A 80 -11.51 -20.79 13.39
C GLU A 80 -11.79 -19.60 14.30
N LYS A 81 -10.77 -19.18 15.05
CA LYS A 81 -10.94 -18.09 16.01
C LYS A 81 -11.00 -16.72 15.33
N LEU A 82 -10.29 -16.57 14.20
CA LEU A 82 -10.42 -15.31 13.41
C LEU A 82 -11.80 -15.20 12.84
N GLN A 83 -12.34 -16.32 12.34
CA GLN A 83 -13.69 -16.32 11.81
C GLN A 83 -14.69 -15.98 12.94
N ASN A 84 -14.50 -16.57 14.12
CA ASN A 84 -15.39 -16.30 15.28
C ASN A 84 -15.36 -14.81 15.60
N PHE A 85 -14.15 -14.26 15.57
CA PHE A 85 -13.94 -12.84 15.87
C PHE A 85 -14.62 -11.96 14.82
N ALA A 86 -14.43 -12.29 13.54
CA ALA A 86 -15.06 -11.51 12.46
C ALA A 86 -16.60 -11.52 12.55
N GLN A 87 -17.14 -12.60 13.14
CA GLN A 87 -18.59 -12.78 13.21
C GLN A 87 -19.24 -12.24 14.49
N LEU A 88 -18.44 -11.63 15.35
CA LEU A 88 -19.00 -11.07 16.61
C LEU A 88 -20.03 -9.98 16.31
N PRO A 89 -21.12 -9.94 17.09
CA PRO A 89 -22.19 -8.96 16.89
C PRO A 89 -21.75 -7.51 17.18
N ALA A 90 -20.70 -7.33 17.97
CA ALA A 90 -20.32 -5.98 18.35
C ALA A 90 -19.87 -5.18 17.14
N HIS A 91 -19.42 -5.87 16.08
CA HIS A 91 -18.99 -5.12 14.87
C HIS A 91 -20.03 -4.21 14.25
N ARG A 92 -21.32 -4.54 14.37
CA ARG A 92 -22.39 -3.65 13.87
C ARG A 92 -22.43 -2.28 14.51
N VAL A 93 -22.11 -2.19 15.80
CA VAL A 93 -22.22 -0.91 16.50
C VAL A 93 -20.89 -0.19 16.75
N THR A 94 -19.79 -0.78 16.28
CA THR A 94 -18.49 -0.10 16.35
C THR A 94 -18.17 0.52 14.99
N ASP A 95 -17.12 1.34 14.94
CA ASP A 95 -16.84 2.08 13.73
C ASP A 95 -15.62 1.55 12.96
N SER A 96 -14.88 0.62 13.54
CA SER A 96 -13.62 0.18 12.89
C SER A 96 -13.23 -1.15 13.51
N CYS A 97 -12.13 -1.75 13.04
CA CYS A 97 -11.68 -3.04 13.53
C CYS A 97 -10.16 -3.07 13.38
N ILE A 98 -9.49 -3.74 14.33
CA ILE A 98 -8.03 -3.97 14.26
C ILE A 98 -7.71 -5.45 14.43
N VAL A 99 -6.82 -5.98 13.59
CA VAL A 99 -6.33 -7.35 13.78
C VAL A 99 -4.80 -7.30 13.68
N ALA A 100 -4.10 -7.78 14.71
CA ALA A 100 -2.64 -7.84 14.67
C ALA A 100 -2.25 -9.32 14.77
N LEU A 101 -1.39 -9.76 13.86
CA LEU A 101 -0.93 -11.16 13.84
C LEU A 101 0.60 -11.15 13.96
N LEU A 102 1.12 -11.91 14.92
CA LEU A 102 2.53 -11.88 15.23
C LEU A 102 3.03 -13.31 15.32
N SER A 103 3.90 -13.70 14.39
CA SER A 103 4.33 -15.10 14.29
C SER A 103 5.49 -15.19 13.31
N HIS A 104 5.97 -16.40 13.04
CA HIS A 104 6.80 -16.65 11.86
C HIS A 104 5.90 -16.68 10.66
N GLY A 105 6.48 -16.46 9.49
CA GLY A 105 5.68 -16.57 8.28
C GLY A 105 6.52 -16.75 7.03
N VAL A 106 5.83 -16.77 5.91
CA VAL A 106 6.43 -16.81 4.58
C VAL A 106 5.62 -15.82 3.76
N GLU A 107 6.04 -15.54 2.53
CA GLU A 107 5.27 -14.63 1.69
C GLU A 107 3.82 -15.09 1.61
N GLY A 108 2.92 -14.19 2.00
CA GLY A 108 1.48 -14.41 1.95
C GLY A 108 0.84 -15.36 2.95
N ALA A 109 1.59 -15.80 3.96
CA ALA A 109 1.07 -16.76 4.96
C ALA A 109 1.76 -16.67 6.30
N ILE A 110 1.07 -17.02 7.37
CA ILE A 110 1.75 -17.06 8.66
C ILE A 110 1.63 -18.45 9.28
N TYR A 111 2.58 -18.75 10.13
CA TYR A 111 2.63 -20.05 10.80
C TYR A 111 1.80 -20.10 12.07
N GLY A 112 1.07 -21.22 12.21
CA GLY A 112 0.56 -21.66 13.50
C GLY A 112 1.66 -22.35 14.29
N VAL A 113 1.40 -22.63 15.56
CA VAL A 113 2.42 -23.22 16.43
C VAL A 113 2.72 -24.68 16.06
N ASP A 114 1.85 -25.26 15.23
CA ASP A 114 2.02 -26.61 14.67
C ASP A 114 2.89 -26.63 13.41
N GLY A 115 3.38 -25.47 12.98
CA GLY A 115 4.18 -25.36 11.76
C GLY A 115 3.37 -25.45 10.47
N LYS A 116 2.06 -25.35 10.57
CA LYS A 116 1.20 -25.30 9.40
C LYS A 116 0.87 -23.84 9.07
N LEU A 117 0.55 -23.58 7.81
CA LEU A 117 0.40 -22.22 7.31
C LEU A 117 -1.04 -21.82 7.15
N LEU A 118 -1.31 -20.57 7.52
CA LEU A 118 -2.58 -19.91 7.25
C LEU A 118 -2.32 -18.82 6.23
N GLN A 119 -2.99 -18.92 5.08
CA GLN A 119 -2.83 -17.95 3.99
C GLN A 119 -3.48 -16.62 4.37
N LEU A 120 -2.76 -15.52 4.19
CA LEU A 120 -3.31 -14.21 4.57
C LEU A 120 -4.52 -13.80 3.76
N GLN A 121 -4.59 -14.26 2.50
CA GLN A 121 -5.77 -13.99 1.70
C GLN A 121 -7.02 -14.55 2.37
N GLU A 122 -6.89 -15.71 3.02
CA GLU A 122 -8.01 -16.31 3.74
C GLU A 122 -8.42 -15.46 4.93
N VAL A 123 -7.42 -14.88 5.60
CA VAL A 123 -7.67 -13.98 6.75
C VAL A 123 -8.44 -12.75 6.31
N PHE A 124 -7.95 -12.06 5.29
CA PHE A 124 -8.61 -10.85 4.80
C PHE A 124 -10.03 -11.15 4.31
N GLN A 125 -10.19 -12.31 3.70
CA GLN A 125 -11.50 -12.67 3.19
C GLN A 125 -12.55 -12.73 4.32
N LEU A 126 -12.13 -13.16 5.50
CA LEU A 126 -13.06 -13.25 6.64
C LEU A 126 -13.70 -11.91 7.00
N PHE A 127 -12.99 -10.81 6.68
CA PHE A 127 -13.38 -9.46 7.06
C PHE A 127 -13.92 -8.63 5.90
N ASP A 128 -14.07 -9.26 4.74
CA ASP A 128 -14.49 -8.54 3.54
C ASP A 128 -16.00 -8.22 3.49
N ASN A 129 -16.44 -7.55 2.43
CA ASN A 129 -17.82 -7.07 2.37
C ASN A 129 -18.87 -8.17 2.24
N ALA A 130 -18.45 -9.31 1.70
CA ALA A 130 -19.34 -10.44 1.50
C ALA A 130 -19.49 -11.22 2.80
N ASN A 131 -18.38 -11.48 3.47
CA ASN A 131 -18.35 -12.35 4.64
C ASN A 131 -18.54 -11.64 5.97
N CYS A 132 -18.23 -10.36 5.99
CA CYS A 132 -18.39 -9.55 7.22
C CYS A 132 -19.23 -8.31 6.92
N PRO A 133 -20.53 -8.50 6.66
CA PRO A 133 -21.35 -7.34 6.32
C PRO A 133 -21.41 -6.27 7.41
N SER A 134 -21.24 -6.66 8.68
CA SER A 134 -21.25 -5.68 9.79
C SER A 134 -20.13 -4.64 9.72
N LEU A 135 -19.03 -4.97 9.02
CA LEU A 135 -17.93 -4.00 8.86
C LEU A 135 -17.92 -3.35 7.46
N GLN A 136 -18.97 -3.55 6.65
CA GLN A 136 -19.01 -2.82 5.36
C GLN A 136 -18.83 -1.33 5.53
N ASN A 137 -17.93 -0.76 4.72
CA ASN A 137 -17.71 0.70 4.66
C ASN A 137 -16.96 1.23 5.87
N LYS A 138 -16.57 0.31 6.77
CA LYS A 138 -15.81 0.68 7.97
C LYS A 138 -14.35 0.31 7.80
N PRO A 139 -13.44 1.16 8.30
CA PRO A 139 -12.01 0.87 8.15
C PRO A 139 -11.56 -0.31 8.99
N LYS A 140 -10.80 -1.19 8.35
CA LYS A 140 -10.28 -2.41 8.96
C LYS A 140 -8.78 -2.41 8.84
N MET A 141 -8.11 -2.40 9.99
CA MET A 141 -6.66 -2.32 10.06
C MET A 141 -6.10 -3.68 10.36
N PHE A 142 -5.03 -4.06 9.65
CA PHE A 142 -4.32 -5.30 9.91
C PHE A 142 -2.85 -4.96 10.09
N PHE A 143 -2.21 -5.54 11.09
CA PHE A 143 -0.76 -5.34 11.29
C PHE A 143 -0.14 -6.70 11.35
N ILE A 144 0.81 -6.98 10.46
CA ILE A 144 1.33 -8.35 10.34
C ILE A 144 2.81 -8.35 10.62
N GLN A 145 3.19 -8.94 11.76
CA GLN A 145 4.58 -9.06 12.18
C GLN A 145 4.95 -10.51 11.95
N ALA A 146 5.58 -10.77 10.81
CA ALA A 146 5.96 -12.13 10.39
C ALA A 146 6.95 -11.95 9.24
N CYS A 147 7.92 -12.85 9.11
CA CYS A 147 8.78 -12.87 7.91
C CYS A 147 7.97 -13.18 6.65
N ARG A 148 8.44 -12.67 5.51
CA ARG A 148 7.83 -12.95 4.21
C ARG A 148 8.83 -13.63 3.26
N GLY A 149 9.73 -14.42 3.84
CA GLY A 149 10.81 -15.04 3.09
C GLY A 149 12.01 -15.15 4.01
N ASP A 150 13.03 -15.87 3.54
CA ASP A 150 14.20 -16.13 4.35
C ASP A 150 15.39 -15.21 4.01
N GLU A 151 15.29 -14.45 2.93
CA GLU A 151 16.38 -13.57 2.51
C GLU A 151 16.62 -12.43 3.51
N THR A 152 17.81 -12.44 4.13
CA THR A 152 18.27 -11.37 5.02
C THR A 152 18.71 -10.18 4.18
N ASP A 153 18.30 -8.96 4.56
CA ASP A 153 18.69 -7.79 3.75
C ASP A 153 20.02 -7.29 4.29
N ARG A 154 21.07 -7.39 3.48
CA ARG A 154 22.40 -7.01 3.92
C ARG A 154 22.60 -5.51 3.99
N GLY A 155 21.70 -4.77 3.35
CA GLY A 155 21.81 -3.32 3.25
C GLY A 155 22.80 -2.86 2.21
N VAL A 156 22.63 -1.63 1.75
CA VAL A 156 23.52 -1.11 0.71
C VAL A 156 24.08 0.25 1.12
N ASP A 157 25.27 0.54 0.62
CA ASP A 157 25.89 1.83 0.89
C ASP A 157 25.19 2.97 0.19
N GLN A 158 25.01 4.03 0.95
CA GLN A 158 24.45 5.28 0.45
CA GLN A 158 24.46 5.25 0.42
C GLN A 158 25.54 6.02 -0.31
N GLN A 159 25.26 6.37 -1.56
CA GLN A 159 26.27 6.97 -2.44
C GLN A 159 26.49 8.45 -2.19
N LYS B 7 -29.27 1.14 -6.78
CA LYS B 7 -28.52 1.43 -5.52
C LYS B 7 -27.04 1.04 -5.66
N MET B 8 -26.19 1.82 -4.99
CA MET B 8 -24.75 1.58 -4.94
C MET B 8 -24.42 0.21 -4.33
N ARG B 9 -23.55 -0.53 -5.00
CA ARG B 9 -23.08 -1.81 -4.48
C ARG B 9 -21.58 -1.70 -4.15
N LEU B 10 -21.04 -2.70 -3.46
CA LEU B 10 -19.65 -2.67 -3.04
C LEU B 10 -18.78 -3.66 -3.80
N PRO B 11 -17.49 -3.34 -3.99
CA PRO B 11 -16.61 -4.44 -4.36
C PRO B 11 -16.58 -5.51 -3.28
N THR B 12 -16.08 -6.70 -3.59
CA THR B 12 -16.01 -7.76 -2.56
C THR B 12 -15.14 -7.39 -1.36
N ARG B 13 -14.05 -6.67 -1.62
CA ARG B 13 -13.13 -6.26 -0.55
C ARG B 13 -12.75 -4.79 -0.71
N SER B 14 -12.87 -4.03 0.37
CA SER B 14 -12.52 -2.61 0.35
C SER B 14 -12.31 -2.10 1.78
N ASP B 15 -11.79 -0.89 1.90
CA ASP B 15 -11.65 -0.19 3.20
C ASP B 15 -10.77 -0.96 4.18
N MET B 16 -9.70 -1.54 3.64
CA MET B 16 -8.71 -2.19 4.48
C MET B 16 -7.37 -1.52 4.36
N ILE B 17 -6.61 -1.56 5.45
CA ILE B 17 -5.22 -1.14 5.40
C ILE B 17 -4.38 -2.19 6.13
N CYS B 18 -3.28 -2.62 5.51
CA CYS B 18 -2.46 -3.69 6.04
CA CYS B 18 -2.46 -3.66 6.08
C CYS B 18 -1.02 -3.19 6.16
N GLY B 19 -0.47 -3.22 7.37
CA GLY B 19 0.92 -2.83 7.60
C GLY B 19 1.73 -4.12 7.73
N TYR B 20 2.82 -4.19 6.98
CA TYR B 20 3.67 -5.35 6.99
C TYR B 20 5.03 -4.95 7.59
N ALA B 21 5.55 -5.79 8.47
CA ALA B 21 6.85 -5.55 9.10
C ALA B 21 7.99 -5.55 8.10
N CYS B 22 7.82 -6.27 7.01
CA CYS B 22 8.90 -6.40 5.99
C CYS B 22 8.37 -6.53 4.57
N LEU B 23 9.28 -6.55 3.59
CA LEU B 23 8.88 -6.67 2.18
C LEU B 23 8.81 -8.13 1.70
N LYS B 24 8.00 -8.36 0.66
CA LYS B 24 7.92 -9.65 -0.03
C LYS B 24 9.31 -10.25 -0.20
N GLY B 25 9.45 -11.51 0.21
CA GLY B 25 10.72 -12.24 0.06
C GLY B 25 11.74 -12.05 1.16
N THR B 26 11.47 -11.16 2.12
CA THR B 26 12.47 -10.78 3.11
C THR B 26 12.09 -11.13 4.54
N ALA B 27 13.06 -11.01 5.45
CA ALA B 27 12.88 -11.30 6.86
C ALA B 27 12.57 -10.03 7.64
N ALA B 28 11.69 -10.17 8.61
CA ALA B 28 11.41 -9.11 9.58
C ALA B 28 12.30 -9.36 10.81
N MET B 29 12.79 -8.28 11.39
CA MET B 29 13.74 -8.37 12.49
C MET B 29 13.11 -8.18 13.86
N ARG B 30 13.59 -8.96 14.82
CA ARG B 30 13.13 -8.87 16.19
C ARG B 30 14.34 -8.86 17.13
N ASN B 31 14.38 -7.88 18.04
CA ASN B 31 15.38 -7.85 19.09
C ASN B 31 14.93 -8.82 20.18
N THR B 32 15.82 -9.74 20.56
CA THR B 32 15.44 -10.79 21.51
C THR B 32 14.99 -10.26 22.88
N LYS B 33 15.45 -9.07 23.26
CA LYS B 33 14.98 -8.48 24.51
C LYS B 33 13.85 -7.46 24.29
N ARG B 34 14.07 -6.52 23.36
CA ARG B 34 13.18 -5.36 23.14
C ARG B 34 11.97 -5.60 22.21
N GLY B 35 11.92 -6.75 21.56
CA GLY B 35 10.81 -7.07 20.64
C GLY B 35 11.07 -6.67 19.19
N SER B 36 10.05 -6.78 18.37
CA SER B 36 10.17 -6.57 16.94
C SER B 36 10.38 -5.09 16.65
N TRP B 37 11.23 -4.80 15.66
CA TRP B 37 11.50 -3.42 15.30
C TRP B 37 10.16 -2.76 14.90
N TYR B 38 9.36 -3.49 14.12
CA TYR B 38 8.16 -2.89 13.53
C TYR B 38 7.13 -2.55 14.61
N ILE B 39 6.92 -3.46 15.55
CA ILE B 39 5.96 -3.18 16.65
C ILE B 39 6.42 -2.04 17.55
N GLU B 40 7.70 -2.02 17.85
CA GLU B 40 8.24 -0.95 18.65
C GLU B 40 7.97 0.41 18.00
N ALA B 41 8.24 0.50 16.70
CA ALA B 41 8.05 1.73 15.93
C ALA B 41 6.57 2.12 15.84
N LEU B 42 5.73 1.14 15.51
CA LEU B 42 4.28 1.35 15.43
C LEU B 42 3.72 1.93 16.73
N ALA B 43 4.12 1.38 17.88
CA ALA B 43 3.58 1.88 19.15
C ALA B 43 4.09 3.28 19.49
N GLN B 44 5.33 3.57 19.13
CA GLN B 44 5.92 4.87 19.40
C GLN B 44 5.20 5.93 18.58
N VAL B 45 4.99 5.64 17.29
CA VAL B 45 4.36 6.62 16.43
C VAL B 45 2.88 6.81 16.76
N PHE B 46 2.16 5.70 16.90
CA PHE B 46 0.72 5.80 17.14
C PHE B 46 0.43 6.48 18.46
N SER B 47 1.22 6.21 19.50
CA SER B 47 0.93 6.85 20.79
C SER B 47 1.20 8.35 20.75
N GLU B 48 2.23 8.74 20.00
CA GLU B 48 2.58 10.15 19.86
C GLU B 48 1.69 10.94 18.89
N ARG B 49 1.23 10.29 17.82
CA ARG B 49 0.67 11.06 16.74
C ARG B 49 -0.78 10.75 16.39
N ALA B 50 -1.39 9.76 17.04
CA ALA B 50 -2.77 9.40 16.68
C ALA B 50 -3.71 10.60 16.91
N CYS B 51 -3.31 11.51 17.79
CA CYS B 51 -4.09 12.72 18.04
C CYS B 51 -4.28 13.63 16.82
N ASP B 52 -3.33 13.65 15.88
CA ASP B 52 -3.38 14.60 14.76
C ASP B 52 -2.89 14.12 13.40
N MET B 53 -2.74 12.79 13.27
CA MET B 53 -2.25 12.22 12.02
CA MET B 53 -2.25 12.23 12.01
CA MET B 53 -2.23 12.20 12.02
C MET B 53 -3.10 11.02 11.65
N HIS B 54 -3.44 10.89 10.38
CA HIS B 54 -4.19 9.68 10.02
C HIS B 54 -3.31 8.43 9.90
N VAL B 55 -3.96 7.26 9.87
CA VAL B 55 -3.24 6.00 10.06
C VAL B 55 -2.24 5.74 8.92
N ALA B 56 -2.64 6.01 7.68
CA ALA B 56 -1.71 5.80 6.58
C ALA B 56 -0.49 6.70 6.76
N ASP B 57 -0.73 7.93 7.23
CA ASP B 57 0.39 8.87 7.41
C ASP B 57 1.25 8.42 8.58
N MET B 58 0.66 7.80 9.60
CA MET B 58 1.46 7.29 10.70
C MET B 58 2.29 6.10 10.23
N LEU B 59 1.73 5.28 9.34
CA LEU B 59 2.52 4.15 8.82
C LEU B 59 3.71 4.62 7.98
N VAL B 60 3.59 5.80 7.37
CA VAL B 60 4.71 6.39 6.64
C VAL B 60 5.85 6.77 7.64
N LYS B 61 5.45 7.33 8.78
CA LYS B 61 6.42 7.62 9.85
C LYS B 61 7.08 6.36 10.38
N VAL B 62 6.32 5.28 10.50
CA VAL B 62 6.89 3.98 10.86
C VAL B 62 7.91 3.53 9.82
N ASN B 63 7.55 3.63 8.55
CA ASN B 63 8.50 3.32 7.49
C ASN B 63 9.82 4.10 7.66
N ALA B 64 9.72 5.41 7.94
CA ALA B 64 10.95 6.19 8.16
C ALA B 64 11.84 5.62 9.31
N LEU B 65 11.21 5.25 10.42
CA LEU B 65 11.94 4.68 11.56
C LEU B 65 12.62 3.37 11.20
N ILE B 66 11.88 2.51 10.52
CA ILE B 66 12.41 1.19 10.16
C ILE B 66 13.57 1.30 9.14
N LYS B 67 13.43 2.18 8.13
CA LYS B 67 14.50 2.41 7.15
C LYS B 67 15.82 2.78 7.83
N ASP B 68 15.72 3.49 8.94
CA ASP B 68 16.88 4.04 9.63
C ASP B 68 17.57 3.01 10.54
N ARG B 69 16.85 1.99 10.99
CA ARG B 69 17.42 1.06 11.97
C ARG B 69 18.35 0.04 11.35
N GLU B 70 19.30 -0.45 12.14
CA GLU B 70 20.17 -1.52 11.66
C GLU B 70 20.44 -2.58 12.72
N GLY B 71 20.75 -3.77 12.23
CA GLY B 71 20.93 -4.96 13.07
C GLY B 71 22.15 -4.85 13.95
N TYR B 72 22.00 -5.29 15.18
CA TYR B 72 23.13 -5.45 16.09
C TYR B 72 23.17 -6.90 16.49
N ALA B 73 24.08 -7.66 15.88
CA ALA B 73 24.20 -9.08 16.13
C ALA B 73 25.59 -9.56 15.70
N PRO B 74 26.64 -9.02 16.36
CA PRO B 74 28.02 -9.33 15.91
C PRO B 74 28.31 -10.82 15.86
N GLY B 75 29.00 -11.26 14.81
CA GLY B 75 29.34 -12.67 14.62
C GLY B 75 28.26 -13.51 13.97
N THR B 76 27.20 -12.87 13.47
CA THR B 76 26.20 -13.57 12.65
C THR B 76 25.83 -12.77 11.39
N GLU B 77 25.12 -13.44 10.47
CA GLU B 77 24.69 -12.86 9.19
C GLU B 77 23.77 -11.65 9.33
N PHE B 78 23.39 -11.32 10.56
CA PHE B 78 22.44 -10.26 10.83
C PHE B 78 23.08 -8.96 11.33
N HIS B 79 24.41 -8.96 11.48
CA HIS B 79 25.06 -7.75 11.95
C HIS B 79 25.00 -6.64 10.90
N ARG B 80 24.53 -5.46 11.33
CA ARG B 80 24.22 -4.32 10.47
C ARG B 80 23.14 -4.57 9.40
N CYS B 81 22.34 -5.64 9.54
CA CYS B 81 21.35 -5.95 8.50
C CYS B 81 20.24 -4.88 8.53
N LYS B 82 19.40 -4.89 7.51
CA LYS B 82 18.36 -3.89 7.35
C LYS B 82 17.02 -4.57 7.16
N GLU B 83 15.98 -3.76 7.28
CA GLU B 83 14.61 -4.20 7.11
C GLU B 83 13.87 -3.01 6.48
N MET B 84 12.82 -3.29 5.72
CA MET B 84 11.97 -2.16 5.29
C MET B 84 10.53 -2.62 5.45
N SER B 85 9.73 -1.80 6.11
CA SER B 85 8.32 -2.09 6.29
C SER B 85 7.57 -1.50 5.11
N GLU B 86 6.30 -1.86 4.98
CA GLU B 86 5.45 -1.28 3.93
C GLU B 86 4.03 -1.35 4.41
N TYR B 87 3.13 -0.63 3.76
CA TYR B 87 1.71 -0.87 3.99
C TYR B 87 1.00 -0.84 2.64
N CYS B 88 -0.14 -1.54 2.59
CA CYS B 88 -1.00 -1.53 1.39
C CYS B 88 -2.35 -1.08 1.84
N SER B 89 -3.02 -0.32 0.98
CA SER B 89 -4.27 0.31 1.38
C SER B 89 -5.34 0.25 0.30
N THR B 90 -6.55 -0.16 0.70
CA THR B 90 -7.77 0.05 -0.09
C THR B 90 -8.70 1.00 0.68
N LEU B 91 -8.12 1.88 1.51
CA LEU B 91 -8.94 2.89 2.19
C LEU B 91 -9.44 3.91 1.19
N CYS B 92 -10.64 4.46 1.45
CA CYS B 92 -11.25 5.42 0.55
C CYS B 92 -11.44 6.80 1.20
N ARG B 93 -10.94 6.94 2.43
CA ARG B 93 -11.02 8.18 3.23
CA ARG B 93 -10.97 8.22 3.17
C ARG B 93 -9.81 8.23 4.14
N HIS B 94 -9.51 9.40 4.68
CA HIS B 94 -8.59 9.51 5.81
C HIS B 94 -9.09 8.67 6.98
N LEU B 95 -8.16 8.01 7.66
CA LEU B 95 -8.49 7.24 8.83
C LEU B 95 -7.89 7.90 10.06
N TYR B 96 -8.67 8.78 10.70
CA TYR B 96 -8.23 9.36 11.98
C TYR B 96 -8.86 8.62 13.12
N LEU B 97 -8.07 8.34 14.16
CA LEU B 97 -8.55 7.55 15.29
C LEU B 97 -9.24 8.41 16.34
N PHE B 98 -9.03 9.72 16.28
CA PHE B 98 -9.67 10.69 17.21
C PHE B 98 -9.60 10.24 18.68
N PRO B 99 -8.39 9.91 19.17
CA PRO B 99 -8.28 9.36 20.53
C PRO B 99 -8.72 10.37 21.59
N GLY B 100 -9.47 9.88 22.58
CA GLY B 100 -9.92 10.70 23.70
C GLY B 100 -10.93 11.79 23.35
N HIS B 101 -11.64 11.62 22.23
CA HIS B 101 -12.71 12.54 21.85
C HIS B 101 -14.08 11.87 21.80
N PRO B 102 -15.11 12.49 22.40
CA PRO B 102 -15.07 13.76 23.15
C PRO B 102 -14.55 13.59 24.57
N PRO B 103 -14.04 14.68 25.20
CA PRO B 103 -13.54 14.57 26.57
C PRO B 103 -14.67 14.44 27.60
N MET C 1 -7.07 18.66 -20.48
CA MET C 1 -6.56 18.49 -19.08
C MET C 1 -5.83 19.72 -18.54
N GLN C 2 -6.14 20.11 -17.31
CA GLN C 2 -5.47 21.24 -16.66
C GLN C 2 -4.95 20.78 -15.31
N VAL C 3 -3.67 20.99 -15.05
CA VAL C 3 -3.14 20.74 -13.71
C VAL C 3 -3.12 22.03 -12.90
N LYS C 4 -3.95 22.11 -11.87
CA LYS C 4 -3.99 23.30 -11.06
C LYS C 4 -2.63 23.47 -10.37
N PRO C 5 -2.08 24.70 -10.37
CA PRO C 5 -0.79 24.90 -9.74
C PRO C 5 -0.84 25.00 -8.22
N CYS C 6 0.25 24.58 -7.59
CA CYS C 6 0.46 24.76 -6.15
CA CYS C 6 0.48 24.76 -6.16
C CYS C 6 0.74 26.24 -5.88
N THR C 7 0.21 26.77 -4.77
CA THR C 7 0.51 28.18 -4.36
C THR C 7 1.90 28.30 -3.71
N PRO C 8 2.54 29.49 -3.82
CA PRO C 8 3.80 29.63 -3.05
C PRO C 8 3.60 29.43 -1.55
N GLU C 9 2.45 29.84 -1.00
CA GLU C 9 2.19 29.64 0.44
C GLU C 9 2.10 28.15 0.79
N PHE C 10 1.50 27.37 -0.13
CA PHE C 10 1.40 25.93 0.08
C PHE C 10 2.80 25.32 0.10
N TYR C 11 3.64 25.65 -0.88
CA TYR C 11 5.00 25.14 -0.88
C TYR C 11 5.73 25.52 0.43
N GLN C 12 5.62 26.79 0.82
CA GLN C 12 6.26 27.26 2.05
C GLN C 12 5.85 26.52 3.30
N THR C 13 4.60 26.10 3.41
CA THR C 13 4.18 25.43 4.63
C THR C 13 4.36 23.92 4.58
N HIS C 14 4.76 23.38 3.43
CA HIS C 14 4.83 21.92 3.26
C HIS C 14 6.19 21.36 2.83
N PHE C 15 7.11 22.20 2.32
CA PHE C 15 8.36 21.66 1.80
C PHE C 15 9.22 20.95 2.87
N GLN C 16 9.13 21.41 4.12
CA GLN C 16 9.98 20.84 5.19
C GLN C 16 9.60 19.41 5.62
N LEU C 17 8.39 18.97 5.30
CA LEU C 17 7.93 17.63 5.67
C LEU C 17 7.75 16.69 4.48
N ALA C 18 8.35 17.03 3.35
CA ALA C 18 8.08 16.27 2.15
C ALA C 18 9.40 15.92 1.52
N TYR C 19 9.36 14.97 0.59
CA TYR C 19 10.51 14.70 -0.26
C TYR C 19 10.89 15.98 -1.00
N ARG C 20 12.18 16.15 -1.22
CA ARG C 20 12.67 17.27 -2.05
C ARG C 20 12.11 17.04 -3.45
N LEU C 21 11.42 18.02 -4.00
CA LEU C 21 10.78 17.81 -5.29
C LEU C 21 10.63 19.14 -5.99
N GLN C 22 11.77 19.62 -6.47
CA GLN C 22 11.84 20.97 -7.06
C GLN C 22 12.64 21.02 -8.34
N SER C 23 13.25 19.89 -8.72
CA SER C 23 14.11 19.88 -9.89
C SER C 23 13.33 20.13 -11.18
N ARG C 24 14.03 20.65 -12.19
CA ARG C 24 13.48 20.78 -13.53
C ARG C 24 14.32 19.96 -14.50
N PRO C 25 13.76 18.88 -15.07
CA PRO C 25 12.42 18.32 -14.87
C PRO C 25 12.31 17.71 -13.48
N ARG C 26 11.07 17.51 -13.03
CA ARG C 26 10.80 16.89 -11.73
C ARG C 26 11.37 15.48 -11.64
N GLY C 27 11.49 14.85 -12.82
CA GLY C 27 12.06 13.53 -12.97
C GLY C 27 11.80 13.08 -14.39
N LEU C 28 12.32 11.91 -14.72
CA LEU C 28 11.92 11.24 -15.94
C LEU C 28 10.71 10.39 -15.61
N ALA C 29 9.84 10.22 -16.59
CA ALA C 29 8.69 9.33 -16.47
C ALA C 29 8.73 8.38 -17.64
N LEU C 30 8.42 7.11 -17.42
CA LEU C 30 8.29 6.20 -18.54
C LEU C 30 6.86 5.70 -18.61
N VAL C 31 6.23 5.85 -19.79
CA VAL C 31 4.90 5.27 -20.01
C VAL C 31 5.07 4.14 -21.02
N LEU C 32 4.77 2.92 -20.58
CA LEU C 32 4.91 1.73 -21.42
C LEU C 32 3.55 1.07 -21.59
N SER C 33 3.04 1.07 -22.82
CA SER C 33 1.73 0.47 -23.10
C SER C 33 1.85 -0.66 -24.11
N ASN C 34 1.31 -1.80 -23.76
CA ASN C 34 1.04 -2.86 -24.74
C ASN C 34 -0.45 -2.96 -25.03
N VAL C 35 -0.81 -2.88 -26.32
CA VAL C 35 -2.22 -2.94 -26.74
C VAL C 35 -2.51 -4.05 -27.75
N HIS C 36 -1.51 -4.45 -28.53
CA HIS C 36 -1.70 -5.46 -29.58
C HIS C 36 -0.77 -6.64 -29.33
N PHE C 37 -1.38 -7.81 -29.12
CA PHE C 37 -0.70 -9.01 -28.69
C PHE C 37 -0.72 -10.07 -29.78
N THR C 38 0.36 -10.82 -29.89
CA THR C 38 0.55 -11.70 -31.05
C THR C 38 1.18 -13.05 -30.74
N GLY C 39 1.34 -13.39 -29.47
CA GLY C 39 1.98 -14.68 -29.13
C GLY C 39 1.10 -15.89 -29.38
N GLU C 40 1.58 -17.06 -28.94
CA GLU C 40 0.80 -18.30 -28.99
C GLU C 40 -0.44 -18.21 -28.10
N LYS C 41 -0.32 -17.43 -27.02
CA LYS C 41 -1.43 -17.21 -26.09
C LYS C 41 -2.26 -16.03 -26.60
N GLU C 42 -3.56 -16.25 -26.79
CA GLU C 42 -4.43 -15.19 -27.29
C GLU C 42 -4.72 -14.19 -26.18
N LEU C 43 -4.37 -12.93 -26.44
CA LEU C 43 -4.71 -11.85 -25.51
C LEU C 43 -5.40 -10.78 -26.31
N GLU C 44 -6.56 -10.36 -25.81
CA GLU C 44 -7.43 -9.44 -26.56
C GLU C 44 -6.80 -8.08 -26.77
N PHE C 45 -6.92 -7.56 -27.99
CA PHE C 45 -6.57 -6.18 -28.29
C PHE C 45 -7.15 -5.22 -27.24
N ARG C 46 -6.31 -4.36 -26.69
CA ARG C 46 -6.76 -3.48 -25.60
C ARG C 46 -7.35 -2.16 -26.14
N SER C 47 -8.61 -2.20 -26.59
CA SER C 47 -9.29 -0.99 -27.05
C SER C 47 -9.40 -0.01 -25.90
N GLY C 48 -9.06 1.24 -26.17
CA GLY C 48 -9.13 2.27 -25.12
C GLY C 48 -7.79 2.44 -24.43
N GLY C 49 -6.89 1.48 -24.65
CA GLY C 49 -5.48 1.60 -24.21
C GLY C 49 -4.78 2.82 -24.79
N ASP C 50 -5.22 3.23 -25.98
CA ASP C 50 -4.72 4.44 -26.61
C ASP C 50 -5.06 5.69 -25.79
N VAL C 51 -6.29 5.75 -25.27
CA VAL C 51 -6.76 6.87 -24.47
C VAL C 51 -5.93 6.94 -23.19
N ASP C 52 -5.70 5.77 -22.59
CA ASP C 52 -4.90 5.68 -21.34
C ASP C 52 -3.52 6.23 -21.57
N HIS C 53 -2.89 5.73 -22.63
CA HIS C 53 -1.51 6.13 -22.94
C HIS C 53 -1.37 7.64 -23.12
N SER C 54 -2.19 8.24 -23.98
CA SER C 54 -2.11 9.70 -24.18
C SER C 54 -2.51 10.50 -22.92
N THR C 55 -3.47 10.00 -22.14
CA THR C 55 -3.85 10.63 -20.86
C THR C 55 -2.64 10.72 -19.92
N LEU C 56 -1.92 9.62 -19.75
CA LEU C 56 -0.74 9.61 -18.85
C LEU C 56 0.41 10.44 -19.38
N VAL C 57 0.65 10.37 -20.69
CA VAL C 57 1.70 11.19 -21.28
C VAL C 57 1.44 12.66 -21.01
N THR C 58 0.21 13.11 -21.30
CA THR C 58 -0.19 14.46 -21.03
C THR C 58 -0.07 14.81 -19.56
N LEU C 59 -0.62 13.96 -18.70
CA LEU C 59 -0.61 14.17 -17.25
C LEU C 59 0.81 14.36 -16.75
N PHE C 60 1.70 13.45 -17.11
CA PHE C 60 3.04 13.47 -16.57
C PHE C 60 3.84 14.68 -17.10
N LYS C 61 3.59 15.05 -18.35
CA LYS C 61 4.20 16.24 -18.91
C LYS C 61 3.75 17.47 -18.14
N LEU C 62 2.44 17.56 -17.90
CA LEU C 62 1.85 18.70 -17.19
C LEU C 62 2.33 18.80 -15.72
N LEU C 63 2.71 17.67 -15.14
CA LEU C 63 3.29 17.64 -13.78
C LEU C 63 4.79 17.93 -13.74
N GLY C 64 5.39 18.17 -14.92
CA GLY C 64 6.78 18.61 -15.00
C GLY C 64 7.80 17.51 -15.21
N TYR C 65 7.35 16.35 -15.67
CA TYR C 65 8.23 15.21 -16.00
C TYR C 65 8.70 15.20 -17.44
N ASP C 66 9.89 14.66 -17.65
CA ASP C 66 10.38 14.38 -19.01
C ASP C 66 9.93 12.99 -19.39
N VAL C 67 8.95 12.93 -20.29
CA VAL C 67 8.24 11.67 -20.54
C VAL C 67 8.83 10.85 -21.68
N HIS C 68 9.28 9.66 -21.35
CA HIS C 68 9.74 8.67 -22.29
C HIS C 68 8.60 7.69 -22.55
N VAL C 69 8.46 7.23 -23.80
CA VAL C 69 7.38 6.31 -24.13
C VAL C 69 7.87 5.03 -24.80
N LEU C 70 7.13 3.96 -24.53
CA LEU C 70 7.35 2.69 -25.17
C LEU C 70 6.00 2.06 -25.47
N CYS C 71 5.90 1.51 -26.67
CA CYS C 71 4.67 0.87 -27.10
C CYS C 71 4.93 -0.51 -27.68
N ASP C 72 4.08 -1.45 -27.30
CA ASP C 72 4.03 -2.81 -27.87
C ASP C 72 5.38 -3.56 -27.86
N GLN C 73 5.82 -3.88 -26.65
CA GLN C 73 7.11 -4.49 -26.39
C GLN C 73 6.95 -5.91 -25.90
N THR C 74 7.87 -6.79 -26.31
CA THR C 74 7.93 -8.16 -25.77
C THR C 74 8.41 -8.14 -24.32
N ALA C 75 8.25 -9.25 -23.60
CA ALA C 75 8.72 -9.36 -22.22
C ALA C 75 10.22 -9.04 -22.13
N GLN C 76 11.00 -9.59 -23.08
CA GLN C 76 12.44 -9.35 -23.10
C GLN C 76 12.78 -7.89 -23.34
N GLU C 77 12.10 -7.26 -24.31
CA GLU C 77 12.31 -5.86 -24.63
C GLU C 77 11.94 -4.99 -23.44
N MET C 78 10.86 -5.36 -22.73
CA MET C 78 10.43 -4.55 -21.59
C MET C 78 11.50 -4.56 -20.50
N GLN C 79 12.02 -5.73 -20.17
CA GLN C 79 13.07 -5.87 -19.17
C GLN C 79 14.32 -5.09 -19.56
N GLU C 80 14.77 -5.26 -20.80
CA GLU C 80 15.97 -4.56 -21.29
C GLU C 80 15.82 -3.03 -21.30
N LYS C 81 14.69 -2.57 -21.80
CA LYS C 81 14.44 -1.16 -21.92
C LYS C 81 14.11 -0.48 -20.60
N LEU C 82 13.45 -1.20 -19.70
CA LEU C 82 13.24 -0.67 -18.34
C LEU C 82 14.58 -0.54 -17.62
N GLN C 83 15.44 -1.55 -17.79
CA GLN C 83 16.75 -1.51 -17.16
C GLN C 83 17.58 -0.34 -17.73
N ASN C 84 17.52 -0.15 -19.05
CA ASN C 84 18.21 0.99 -19.68
C ASN C 84 17.71 2.31 -19.11
N PHE C 85 16.38 2.40 -18.96
CA PHE C 85 15.74 3.59 -18.42
C PHE C 85 16.18 3.84 -16.98
N ALA C 86 16.20 2.79 -16.16
CA ALA C 86 16.59 2.90 -14.75
C ALA C 86 18.05 3.39 -14.65
N GLN C 87 18.86 2.98 -15.62
CA GLN C 87 20.30 3.26 -15.63
C GLN C 87 20.71 4.61 -16.22
N LEU C 88 19.75 5.39 -16.72
CA LEU C 88 20.05 6.68 -17.33
C LEU C 88 20.72 7.63 -16.33
N PRO C 89 21.87 8.23 -16.71
CA PRO C 89 22.54 9.25 -15.89
C PRO C 89 21.69 10.48 -15.56
N ALA C 90 20.69 10.77 -16.38
CA ALA C 90 19.79 11.90 -16.10
C ALA C 90 19.08 11.78 -14.73
N HIS C 91 18.90 10.56 -14.22
CA HIS C 91 18.30 10.41 -12.87
C HIS C 91 19.14 11.07 -11.76
N ARG C 92 20.44 11.23 -12.00
CA ARG C 92 21.33 11.78 -10.97
C ARG C 92 20.97 13.22 -10.59
N VAL C 93 20.39 13.98 -11.53
CA VAL C 93 20.09 15.39 -11.30
C VAL C 93 18.59 15.72 -11.18
N THR C 94 17.73 14.71 -11.22
CA THR C 94 16.31 14.92 -10.94
C THR C 94 15.94 14.44 -9.54
N ASP C 95 14.73 14.77 -9.12
CA ASP C 95 14.29 14.53 -7.76
C ASP C 95 13.40 13.30 -7.55
N SER C 96 12.87 12.74 -8.63
CA SER C 96 11.88 11.65 -8.49
C SER C 96 11.82 10.87 -9.79
N CYS C 97 11.02 9.81 -9.80
CA CYS C 97 10.86 9.00 -11.02
C CYS C 97 9.43 8.48 -11.10
N ILE C 98 8.88 8.35 -12.32
CA ILE C 98 7.55 7.73 -12.52
C ILE C 98 7.63 6.67 -13.59
N VAL C 99 7.05 5.50 -13.31
CA VAL C 99 6.94 4.43 -14.31
C VAL C 99 5.50 3.95 -14.35
N ALA C 100 4.88 3.96 -15.55
CA ALA C 100 3.54 3.42 -15.69
C ALA C 100 3.59 2.29 -16.69
N LEU C 101 3.00 1.17 -16.30
CA LEU C 101 2.97 -0.03 -17.13
C LEU C 101 1.54 -0.41 -17.38
N LEU C 102 1.18 -0.57 -18.64
CA LEU C 102 -0.20 -0.79 -19.02
C LEU C 102 -0.24 -1.96 -20.01
N SER C 103 -0.86 -3.06 -19.60
CA SER C 103 -0.86 -4.29 -20.38
C SER C 103 -1.87 -5.28 -19.86
N HIS C 104 -1.89 -6.47 -20.47
CA HIS C 104 -2.49 -7.61 -19.82
C HIS C 104 -1.54 -8.09 -18.73
N GLY C 105 -2.08 -8.77 -17.74
CA GLY C 105 -1.25 -9.33 -16.68
C GLY C 105 -1.90 -10.46 -15.92
N VAL C 106 -1.15 -10.97 -14.95
CA VAL C 106 -1.58 -11.98 -13.99
C VAL C 106 -1.04 -11.51 -12.63
N GLU C 107 -1.40 -12.19 -11.55
CA GLU C 107 -0.87 -11.78 -10.25
C GLU C 107 0.67 -11.69 -10.30
N GLY C 108 1.21 -10.53 -9.95
CA GLY C 108 2.65 -10.30 -9.86
C GLY C 108 3.45 -10.20 -11.16
N ALA C 109 2.78 -10.13 -12.32
CA ALA C 109 3.49 -10.08 -13.60
C ALA C 109 2.66 -9.47 -14.72
N ILE C 110 3.33 -8.87 -15.71
CA ILE C 110 2.65 -8.25 -16.85
C ILE C 110 3.08 -8.94 -18.14
N TYR C 111 2.16 -8.99 -19.10
CA TYR C 111 2.49 -9.56 -20.40
C TYR C 111 3.16 -8.61 -21.37
N GLY C 112 4.17 -9.13 -22.07
CA GLY C 112 4.64 -8.47 -23.27
C GLY C 112 3.76 -8.87 -24.44
N VAL C 113 3.93 -8.20 -25.57
CA VAL C 113 3.11 -8.46 -26.77
C VAL C 113 3.30 -9.87 -27.32
N ASP C 114 4.40 -10.50 -26.92
CA ASP C 114 4.69 -11.87 -27.34
C ASP C 114 4.00 -12.90 -26.45
N GLY C 115 3.20 -12.43 -25.49
CA GLY C 115 2.49 -13.32 -24.57
C GLY C 115 3.35 -13.99 -23.50
N LYS C 116 4.55 -13.47 -23.30
CA LYS C 116 5.41 -13.93 -22.21
C LYS C 116 5.37 -12.92 -21.06
N LEU C 117 5.61 -13.40 -19.85
CA LEU C 117 5.47 -12.59 -18.62
C LEU C 117 6.77 -11.98 -18.13
N LEU C 118 6.71 -10.72 -17.68
CA LEU C 118 7.79 -10.08 -16.91
C LEU C 118 7.33 -9.96 -15.47
N GLN C 119 8.11 -10.48 -14.51
CA GLN C 119 7.69 -10.42 -13.10
C GLN C 119 7.84 -8.98 -12.58
N LEU C 120 6.82 -8.49 -11.86
CA LEU C 120 6.87 -7.12 -11.34
C LEU C 120 7.96 -6.94 -10.29
N GLN C 121 8.21 -7.97 -9.49
CA GLN C 121 9.35 -7.91 -8.53
C GLN C 121 10.66 -7.55 -9.21
N GLU C 122 10.91 -8.13 -10.38
CA GLU C 122 12.11 -7.77 -11.16
C GLU C 122 12.07 -6.34 -11.66
N VAL C 123 10.89 -5.82 -11.98
CA VAL C 123 10.77 -4.42 -12.42
C VAL C 123 11.12 -3.47 -11.28
N PHE C 124 10.52 -3.68 -10.10
CA PHE C 124 10.80 -2.75 -9.00
C PHE C 124 12.28 -2.84 -8.61
N GLN C 125 12.82 -4.05 -8.66
CA GLN C 125 14.26 -4.21 -8.35
C GLN C 125 15.21 -3.33 -9.21
N LEU C 126 14.87 -3.09 -10.48
CA LEU C 126 15.68 -2.24 -11.34
C LEU C 126 15.86 -0.83 -10.78
N PHE C 127 14.91 -0.40 -9.94
CA PHE C 127 14.89 0.98 -9.44
C PHE C 127 15.28 1.07 -7.97
N ASP C 128 15.74 -0.05 -7.41
CA ASP C 128 15.95 -0.11 -5.96
C ASP C 128 17.29 0.51 -5.54
N ASN C 129 17.57 0.53 -4.25
CA ASN C 129 18.73 1.24 -3.76
C ASN C 129 20.01 0.55 -4.16
N ALA C 130 19.95 -0.76 -4.37
CA ALA C 130 21.13 -1.54 -4.78
C ALA C 130 21.46 -1.28 -6.23
N ASN C 131 20.45 -1.40 -7.09
CA ASN C 131 20.65 -1.37 -8.54
C ASN C 131 20.61 0.00 -9.19
N CYS C 132 19.92 0.94 -8.55
CA CYS C 132 19.76 2.29 -9.08
C CYS C 132 20.21 3.32 -8.05
N PRO C 133 21.54 3.48 -7.88
CA PRO C 133 22.03 4.41 -6.87
C PRO C 133 21.64 5.87 -7.11
N SER C 134 21.46 6.26 -8.39
CA SER C 134 21.08 7.63 -8.69
C SER C 134 19.70 8.02 -8.15
N LEU C 135 18.84 7.04 -7.93
CA LEU C 135 17.53 7.34 -7.29
C LEU C 135 17.48 7.04 -5.79
N GLN C 136 18.59 6.67 -5.15
CA GLN C 136 18.53 6.42 -3.70
C GLN C 136 17.93 7.61 -2.95
N ASN C 137 16.99 7.30 -2.05
CA ASN C 137 16.31 8.26 -1.15
C ASN C 137 15.36 9.20 -1.87
N LYS C 138 15.22 9.04 -3.20
CA LYS C 138 14.26 9.82 -4.00
C LYS C 138 12.95 9.03 -4.21
N PRO C 139 11.82 9.73 -4.28
CA PRO C 139 10.55 8.99 -4.41
C PRO C 139 10.37 8.47 -5.83
N LYS C 140 9.92 7.22 -5.89
CA LYS C 140 9.74 6.53 -7.13
C LYS C 140 8.30 6.02 -7.13
N MET C 141 7.54 6.42 -8.15
CA MET C 141 6.13 6.10 -8.27
C MET C 141 5.98 5.09 -9.39
N PHE C 142 5.15 4.08 -9.16
CA PHE C 142 4.80 3.09 -10.18
C PHE C 142 3.29 3.00 -10.27
N PHE C 143 2.77 2.98 -11.50
CA PHE C 143 1.32 2.78 -11.71
C PHE C 143 1.14 1.58 -12.63
N ILE C 144 0.41 0.58 -12.17
CA ILE C 144 0.29 -0.69 -12.92
C ILE C 144 -1.15 -0.95 -13.29
N GLN C 145 -1.44 -0.83 -14.60
CA GLN C 145 -2.76 -1.05 -15.16
C GLN C 145 -2.66 -2.38 -15.88
N ALA C 146 -3.05 -3.44 -15.17
CA ALA C 146 -3.05 -4.82 -15.66
C ALA C 146 -3.92 -5.65 -14.72
N CYS C 147 -4.52 -6.70 -15.26
CA CYS C 147 -5.27 -7.64 -14.45
C CYS C 147 -4.31 -8.39 -13.56
N ARG C 148 -4.83 -8.85 -12.43
CA ARG C 148 -4.06 -9.63 -11.50
C ARG C 148 -4.72 -11.00 -11.30
N GLY C 149 -5.42 -11.46 -12.33
CA GLY C 149 -6.20 -12.69 -12.28
C GLY C 149 -7.38 -12.52 -13.21
N ASP C 150 -8.22 -13.55 -13.32
CA ASP C 150 -9.36 -13.47 -14.23
C ASP C 150 -10.69 -13.63 -13.49
N GLU C 151 -10.65 -13.57 -12.16
CA GLU C 151 -11.90 -13.57 -11.40
C GLU C 151 -12.56 -12.19 -11.55
N THR C 152 -13.80 -12.17 -12.05
CA THR C 152 -14.56 -10.93 -12.09
C THR C 152 -15.25 -10.76 -10.75
N ASP C 153 -15.33 -9.53 -10.27
CA ASP C 153 -15.95 -9.29 -8.99
C ASP C 153 -17.39 -8.88 -9.25
N ARG C 154 -18.32 -9.77 -8.92
CA ARG C 154 -19.73 -9.52 -9.11
C ARG C 154 -20.26 -8.47 -8.14
N GLY C 155 -19.49 -8.16 -7.10
CA GLY C 155 -19.89 -7.16 -6.12
C GLY C 155 -20.81 -7.72 -5.05
N VAL C 156 -21.10 -6.89 -4.05
CA VAL C 156 -22.01 -7.31 -2.98
C VAL C 156 -23.00 -6.17 -2.68
N ASP C 157 -24.25 -6.54 -2.35
CA ASP C 157 -25.21 -5.53 -1.93
C ASP C 157 -24.79 -4.94 -0.58
N GLN C 158 -25.06 -3.66 -0.39
CA GLN C 158 -24.91 -3.00 0.92
C GLN C 158 -25.96 -3.55 1.87
N GLN C 159 -25.51 -4.12 2.99
CA GLN C 159 -26.37 -4.72 4.01
CA GLN C 159 -26.39 -4.72 3.98
C GLN C 159 -27.13 -3.64 4.78
N LYS D 7 27.94 6.51 7.20
CA LYS D 7 28.16 5.04 7.29
C LYS D 7 26.82 4.32 7.52
N MET D 8 25.73 5.08 7.63
CA MET D 8 24.40 4.50 7.64
C MET D 8 24.15 3.90 6.26
N ARG D 9 23.53 2.74 6.27
CA ARG D 9 23.25 2.01 5.07
C ARG D 9 21.77 2.16 4.82
N LEU D 10 21.34 1.78 3.62
CA LEU D 10 19.91 1.76 3.26
C LEU D 10 19.44 0.32 3.17
N PRO D 11 18.14 0.07 3.44
CA PRO D 11 17.56 -1.21 3.03
C PRO D 11 17.70 -1.35 1.49
N THR D 12 17.57 -2.57 0.99
CA THR D 12 17.70 -2.80 -0.45
C THR D 12 16.64 -2.00 -1.27
N ARG D 13 15.42 -1.88 -0.73
CA ARG D 13 14.34 -1.21 -1.46
C ARG D 13 13.59 -0.30 -0.49
N SER D 14 13.43 0.97 -0.85
CA SER D 14 12.64 1.93 -0.05
C SER D 14 12.19 3.07 -0.96
N ASP D 15 11.33 3.94 -0.42
CA ASP D 15 10.89 5.18 -1.09
C ASP D 15 10.16 4.92 -2.39
N MET D 16 9.35 3.86 -2.43
CA MET D 16 8.55 3.56 -3.61
C MET D 16 7.08 3.60 -3.25
N ILE D 17 6.26 3.99 -4.20
CA ILE D 17 4.82 3.84 -4.00
C ILE D 17 4.30 3.21 -5.29
N CYS D 18 3.49 2.16 -5.16
CA CYS D 18 2.98 1.42 -6.32
CA CYS D 18 2.96 1.49 -6.34
C CYS D 18 1.47 1.43 -6.29
N GLY D 19 0.86 1.95 -7.35
CA GLY D 19 -0.63 2.02 -7.46
C GLY D 19 -1.05 0.90 -8.39
N TYR D 20 -1.98 0.07 -7.92
CA TYR D 20 -2.47 -1.05 -8.72
C TYR D 20 -3.92 -0.82 -9.06
N ALA D 21 -4.28 -1.12 -10.30
CA ALA D 21 -5.67 -0.96 -10.72
C ALA D 21 -6.65 -1.89 -10.06
N CYS D 22 -6.18 -3.03 -9.58
CA CYS D 22 -7.06 -4.02 -8.98
C CYS D 22 -6.34 -4.78 -7.90
N LEU D 23 -7.09 -5.62 -7.19
CA LEU D 23 -6.52 -6.44 -6.14
C LEU D 23 -6.03 -7.77 -6.67
N LYS D 24 -5.11 -8.37 -5.92
CA LYS D 24 -4.61 -9.72 -6.20
C LYS D 24 -5.75 -10.69 -6.53
N GLY D 25 -5.63 -11.38 -7.65
CA GLY D 25 -6.63 -12.37 -8.06
C GLY D 25 -7.77 -11.85 -8.92
N THR D 26 -7.89 -10.52 -9.01
CA THR D 26 -9.01 -9.87 -9.70
C THR D 26 -8.65 -9.19 -11.02
N ALA D 27 -9.69 -8.89 -11.80
CA ALA D 27 -9.52 -8.18 -13.06
C ALA D 27 -9.55 -6.66 -12.87
N ALA D 28 -8.74 -5.96 -13.65
CA ALA D 28 -8.88 -4.50 -13.74
C ALA D 28 -9.78 -4.24 -14.94
N MET D 29 -10.67 -3.25 -14.83
CA MET D 29 -11.65 -2.96 -15.88
C MET D 29 -11.26 -1.81 -16.79
N ARG D 30 -11.66 -1.92 -18.05
CA ARG D 30 -11.33 -0.92 -19.04
C ARG D 30 -12.53 -0.69 -19.94
N ASN D 31 -12.87 0.57 -20.10
CA ASN D 31 -13.90 0.96 -21.03
C ASN D 31 -13.28 1.13 -22.41
N THR D 32 -13.86 0.47 -23.40
CA THR D 32 -13.26 0.47 -24.76
C THR D 32 -13.20 1.85 -25.40
N LYS D 33 -13.97 2.79 -24.88
CA LYS D 33 -13.96 4.19 -25.36
C LYS D 33 -13.26 5.17 -24.43
N ARG D 34 -13.53 5.06 -23.12
CA ARG D 34 -13.04 6.00 -22.10
C ARG D 34 -11.67 5.62 -21.52
N GLY D 35 -11.22 4.40 -21.81
CA GLY D 35 -9.98 3.89 -21.23
C GLY D 35 -10.21 3.19 -19.90
N SER D 36 -9.14 2.84 -19.22
CA SER D 36 -9.26 2.07 -17.96
C SER D 36 -9.88 2.93 -16.88
N TRP D 37 -10.67 2.30 -16.02
CA TRP D 37 -11.29 3.00 -14.91
C TRP D 37 -10.18 3.62 -14.04
N TYR D 38 -9.15 2.83 -13.75
CA TYR D 38 -8.07 3.31 -12.86
C TYR D 38 -7.35 4.53 -13.44
N ILE D 39 -6.91 4.47 -14.71
CA ILE D 39 -6.18 5.61 -15.29
C ILE D 39 -7.06 6.85 -15.42
N GLU D 40 -8.34 6.63 -15.74
CA GLU D 40 -9.28 7.74 -15.82
C GLU D 40 -9.37 8.48 -14.48
N ALA D 41 -9.54 7.70 -13.39
CA ALA D 41 -9.61 8.22 -12.00
C ALA D 41 -8.31 8.92 -11.57
N LEU D 42 -7.19 8.27 -11.86
CA LEU D 42 -5.87 8.77 -11.52
C LEU D 42 -5.66 10.13 -12.15
N ALA D 43 -5.99 10.26 -13.43
CA ALA D 43 -5.81 11.53 -14.13
C ALA D 43 -6.73 12.61 -13.59
N GLN D 44 -7.97 12.24 -13.28
CA GLN D 44 -8.94 13.19 -12.71
CA GLN D 44 -8.94 13.19 -12.72
C GLN D 44 -8.45 13.73 -11.38
N VAL D 45 -8.00 12.83 -10.51
CA VAL D 45 -7.58 13.24 -9.18
C VAL D 45 -6.27 14.01 -9.19
N PHE D 46 -5.25 13.47 -9.87
CA PHE D 46 -3.94 14.14 -9.87
C PHE D 46 -4.03 15.52 -10.50
N SER D 47 -4.73 15.65 -11.63
CA SER D 47 -4.81 16.98 -12.25
C SER D 47 -5.44 18.04 -11.32
N GLU D 48 -6.51 17.65 -10.62
CA GLU D 48 -7.28 18.51 -9.70
C GLU D 48 -6.56 18.79 -8.38
N ARG D 49 -5.85 17.78 -7.87
CA ARG D 49 -5.43 17.81 -6.45
C ARG D 49 -3.93 17.75 -6.19
N ALA D 50 -3.13 17.63 -7.23
CA ALA D 50 -1.67 17.59 -7.05
C ALA D 50 -1.18 18.90 -6.39
N CYS D 51 -1.94 19.97 -6.63
CA CYS D 51 -1.66 21.29 -6.06
C CYS D 51 -1.67 21.33 -4.53
N ASP D 52 -2.46 20.48 -3.88
CA ASP D 52 -2.66 20.58 -2.42
C ASP D 52 -2.81 19.25 -1.65
N MET D 53 -2.51 18.13 -2.31
CA MET D 53 -2.66 16.82 -1.68
CA MET D 53 -2.66 16.80 -1.68
C MET D 53 -1.44 15.96 -2.03
N HIS D 54 -0.93 15.20 -1.07
CA HIS D 54 0.22 14.35 -1.39
C HIS D 54 -0.21 13.07 -2.13
N VAL D 55 0.76 12.39 -2.75
CA VAL D 55 0.40 11.32 -3.69
C VAL D 55 -0.34 10.17 -3.02
N ALA D 56 0.12 9.73 -1.85
CA ALA D 56 -0.62 8.63 -1.19
C ALA D 56 -2.07 9.05 -0.92
N ASP D 57 -2.27 10.28 -0.47
CA ASP D 57 -3.63 10.78 -0.24
C ASP D 57 -4.47 10.89 -1.53
N MET D 58 -3.84 11.25 -2.64
CA MET D 58 -4.54 11.26 -3.91
C MET D 58 -4.93 9.83 -4.30
N LEU D 59 -4.09 8.85 -4.01
CA LEU D 59 -4.43 7.46 -4.39
C LEU D 59 -5.58 6.92 -3.55
N VAL D 60 -5.75 7.47 -2.35
CA VAL D 60 -6.96 7.22 -1.56
C VAL D 60 -8.24 7.76 -2.26
N LYS D 61 -8.17 8.97 -2.81
CA LYS D 61 -9.28 9.55 -3.54
C LYS D 61 -9.56 8.72 -4.78
N VAL D 62 -8.51 8.22 -5.42
CA VAL D 62 -8.69 7.28 -6.54
C VAL D 62 -9.44 6.01 -6.11
N ASN D 63 -9.02 5.43 -4.99
CA ASN D 63 -9.69 4.27 -4.45
C ASN D 63 -11.19 4.56 -4.26
N ALA D 64 -11.50 5.77 -3.78
CA ALA D 64 -12.91 6.10 -3.51
C ALA D 64 -13.69 6.11 -4.84
N LEU D 65 -13.08 6.66 -5.90
CA LEU D 65 -13.75 6.70 -7.21
C LEU D 65 -13.97 5.28 -7.75
N ILE D 66 -12.95 4.44 -7.64
CA ILE D 66 -13.05 3.08 -8.15
C ILE D 66 -14.08 2.24 -7.40
N LYS D 67 -14.14 2.39 -6.08
CA LYS D 67 -15.07 1.60 -5.31
C LYS D 67 -16.52 1.88 -5.72
N ASP D 68 -16.78 3.11 -6.16
CA ASP D 68 -18.13 3.52 -6.54
C ASP D 68 -18.52 3.12 -7.98
N ARG D 69 -17.54 2.91 -8.83
CA ARG D 69 -17.82 2.58 -10.24
C ARG D 69 -18.45 1.21 -10.41
N GLU D 70 -19.29 1.07 -11.43
CA GLU D 70 -19.90 -0.20 -11.70
C GLU D 70 -19.89 -0.47 -13.20
N GLY D 71 -19.71 -1.73 -13.57
CA GLY D 71 -19.53 -2.10 -14.99
C GLY D 71 -20.84 -1.99 -15.74
N TYR D 72 -20.78 -1.50 -16.98
CA TYR D 72 -21.92 -1.51 -17.89
C TYR D 72 -21.52 -2.39 -19.06
N ALA D 73 -22.13 -3.57 -19.16
CA ALA D 73 -21.79 -4.52 -20.19
C ALA D 73 -22.87 -5.60 -20.25
N PRO D 74 -24.14 -5.19 -20.48
CA PRO D 74 -25.23 -6.16 -20.38
C PRO D 74 -25.08 -7.32 -21.39
N GLY D 75 -25.44 -8.52 -20.97
CA GLY D 75 -25.29 -9.73 -21.78
C GLY D 75 -23.90 -10.35 -21.71
N THR D 76 -23.04 -9.79 -20.86
CA THR D 76 -21.67 -10.31 -20.70
C THR D 76 -21.44 -10.57 -19.22
N GLU D 77 -20.33 -11.25 -18.94
CA GLU D 77 -19.95 -11.57 -17.56
C GLU D 77 -19.63 -10.31 -16.71
N PHE D 78 -19.40 -9.17 -17.35
CA PHE D 78 -18.98 -7.97 -16.64
C PHE D 78 -20.07 -7.00 -16.27
N HIS D 79 -21.33 -7.33 -16.59
CA HIS D 79 -22.37 -6.39 -16.29
C HIS D 79 -22.52 -6.23 -14.76
N ARG D 80 -22.51 -4.97 -14.31
CA ARG D 80 -22.62 -4.54 -12.91
C ARG D 80 -21.46 -5.05 -12.06
N CYS D 81 -20.33 -5.35 -12.72
CA CYS D 81 -19.12 -5.82 -12.02
C CYS D 81 -18.47 -4.68 -11.23
N LYS D 82 -17.60 -5.06 -10.28
CA LYS D 82 -16.90 -4.08 -9.45
C LYS D 82 -15.42 -4.30 -9.57
N GLU D 83 -14.65 -3.35 -9.03
CA GLU D 83 -13.18 -3.35 -9.05
C GLU D 83 -12.80 -2.63 -7.76
N MET D 84 -11.67 -3.00 -7.16
CA MET D 84 -11.11 -2.22 -6.07
C MET D 84 -9.61 -2.02 -6.42
N SER D 85 -9.19 -0.77 -6.50
CA SER D 85 -7.76 -0.45 -6.66
C SER D 85 -7.08 -0.48 -5.29
N GLU D 86 -5.76 -0.48 -5.27
CA GLU D 86 -5.01 -0.39 -3.99
C GLU D 86 -3.67 0.27 -4.27
N TYR D 87 -2.97 0.68 -3.21
CA TYR D 87 -1.60 1.12 -3.40
C TYR D 87 -0.78 0.54 -2.28
N CYS D 88 0.51 0.31 -2.54
CA CYS D 88 1.46 -0.14 -1.51
C CYS D 88 2.57 0.88 -1.43
N SER D 89 3.06 1.14 -0.24
CA SER D 89 4.02 2.21 -0.07
C SER D 89 5.15 1.87 0.88
N THR D 90 6.39 2.18 0.42
CA THR D 90 7.55 2.25 1.29
C THR D 90 8.02 3.69 1.39
N LEU D 91 7.13 4.66 1.14
CA LEU D 91 7.53 6.06 1.30
C LEU D 91 7.80 6.36 2.77
N CYS D 92 8.68 7.34 3.01
CA CYS D 92 9.08 7.69 4.36
C CYS D 92 8.73 9.11 4.77
N ARG D 93 8.06 9.84 3.89
CA ARG D 93 7.48 11.16 4.21
C ARG D 93 6.45 11.48 3.13
N HIS D 94 5.81 12.64 3.23
CA HIS D 94 4.79 13.02 2.24
C HIS D 94 5.41 13.19 0.90
N LEU D 95 4.68 12.79 -0.15
CA LEU D 95 5.15 13.04 -1.53
C LEU D 95 4.26 14.09 -2.20
N TYR D 96 4.67 15.37 -2.16
CA TYR D 96 3.97 16.44 -2.85
C TYR D 96 4.64 16.72 -4.18
N LEU D 97 3.84 16.90 -5.23
CA LEU D 97 4.45 17.13 -6.56
C LEU D 97 4.71 18.60 -6.87
N PHE D 98 4.13 19.47 -6.04
CA PHE D 98 4.33 20.93 -6.13
C PHE D 98 4.24 21.46 -7.57
N PRO D 99 3.16 21.10 -8.29
CA PRO D 99 3.06 21.49 -9.69
C PRO D 99 3.15 23.00 -9.88
N GLY D 100 4.00 23.43 -10.80
CA GLY D 100 4.09 24.86 -11.11
C GLY D 100 4.85 25.72 -10.13
N HIS D 101 5.47 25.11 -9.11
CA HIS D 101 6.29 25.87 -8.17
C HIS D 101 7.76 25.46 -8.30
N PRO D 102 8.68 26.44 -8.41
CA PRO D 102 8.47 27.90 -8.37
C PRO D 102 7.87 28.45 -9.67
N PRO D 103 7.07 29.56 -9.56
CA PRO D 103 6.31 30.14 -10.69
C PRO D 103 7.11 30.29 -12.00
C ACE E 1 -18.42 0.82 -23.93
O ACE E 1 -19.42 0.98 -23.23
CH3 ACE E 1 -18.08 1.77 -25.03
N ALA E 2 -17.91 -0.39 -24.07
CA ALA E 2 -18.28 -1.42 -23.09
C ALA E 2 -17.13 -1.68 -22.11
N ASP E 3 -17.47 -2.17 -20.93
CA ASP E 3 -16.47 -2.47 -19.93
C ASP E 3 -15.95 -3.91 -20.11
N VAL E 4 -14.63 -4.03 -20.27
CA VAL E 4 -13.97 -5.33 -20.46
C VAL E 4 -12.78 -5.45 -19.50
N ALA E 5 -12.22 -6.67 -19.39
CA ALA E 5 -11.12 -6.92 -18.45
C ALA E 5 -9.72 -6.83 -19.06
N ASA E 6 -8.78 -6.23 -18.34
CA ASA E 6 -7.36 -6.26 -18.69
C ASA E 6 -6.67 -7.59 -18.30
O ASA E 6 -5.43 -7.66 -18.14
CB ASA E 6 -6.64 -5.06 -18.07
CG ASA E 6 -6.55 -3.89 -19.01
OD1 ASA E 6 -6.43 -2.74 -18.53
OD2 ASA E 6 -6.59 -4.13 -20.24
C ACE F 1 20.33 -8.41 21.83
O ACE F 1 21.07 -7.44 21.67
CH3 ACE F 1 19.46 -8.53 23.05
N ALA F 2 20.33 -9.47 21.02
CA ALA F 2 20.69 -9.40 19.61
C ALA F 2 19.46 -9.46 18.71
N ASP F 3 19.63 -8.94 17.49
CA ASP F 3 18.59 -9.00 16.46
C ASP F 3 18.58 -10.34 15.72
N VAL F 4 17.38 -10.91 15.57
CA VAL F 4 17.16 -12.17 14.84
C VAL F 4 16.00 -12.03 13.85
N ALA F 5 15.83 -13.05 12.99
CA ALA F 5 14.80 -13.05 11.94
C ALA F 5 13.51 -13.75 12.36
N ASA F 6 12.37 -13.09 12.13
CA ASA F 6 11.05 -13.66 12.41
C ASA F 6 10.67 -14.78 11.43
O ASA F 6 9.51 -14.88 10.96
CB ASA F 6 9.99 -12.55 12.42
CG ASA F 6 9.48 -12.27 13.81
OD1 ASA F 6 8.83 -11.22 14.02
OD2 ASA F 6 9.73 -13.10 14.71
#